data_3K4F
#
_entry.id   3K4F
#
_cell.length_a   52.205
_cell.length_b   52.483
_cell.length_c   73.977
_cell.angle_alpha   90.00
_cell.angle_beta   90.21
_cell.angle_gamma   90.00
#
_symmetry.space_group_name_H-M   'P 1 21 1'
#
loop_
_entity.id
_entity.type
_entity.pdbx_description
1 polymer 'Heme oxygenase 1'
2 non-polymer 'PROTOPORPHYRIN IX CONTAINING FE'
3 non-polymer 4-phenyl-1-(1H-1,2,4-triazol-1-yl)butan-2-one
4 non-polymer HEXANE-1,6-DIOL
5 non-polymer 'SULFATE ION'
6 water water
#
_entity_poly.entity_id   1
_entity_poly.type   'polypeptide(L)'
_entity_poly.pdbx_seq_one_letter_code
;MERPQPDSMPQDLSEALKEATKEVHTQAENAEFMRNFQKGQVTRDGFKLVMASLYHIYVALEEEIERNKESPVFAPVYFP
EELHRKAALEQDLAFWYGPRWQEVIPYTPAMQRYVKRLHEVGRTEPELLVAHAYTRYLGDLSGGQVLKKIAQKALDLPSS
GEGLAFFTFPNIASATKFKQLYRSRMNSLEMTPAVRQRVIEEAKTAFLLNIQLFEELQELLTHDTKDQSPSRA
;
_entity_poly.pdbx_strand_id   A,B
#
loop_
_chem_comp.id
_chem_comp.type
_chem_comp.name
_chem_comp.formula
HEM non-polymer 'PROTOPORPHYRIN IX CONTAINING FE' 'C34 H32 Fe N4 O4'
HEZ non-polymer HEXANE-1,6-DIOL 'C6 H14 O2'
Q86 non-polymer 4-phenyl-1-(1H-1,2,4-triazol-1-yl)butan-2-one 'C12 H13 N3 O'
SO4 non-polymer 'SULFATE ION' 'O4 S -2'
#
# COMPACT_ATOMS: atom_id res chain seq x y z
N PRO A 10 4.48 20.80 -28.87
CA PRO A 10 5.94 20.96 -28.87
C PRO A 10 6.65 19.62 -29.03
N GLN A 11 7.93 19.66 -29.42
CA GLN A 11 8.70 18.47 -29.75
C GLN A 11 8.78 17.44 -28.62
N ASP A 12 9.03 17.91 -27.40
CA ASP A 12 9.01 17.04 -26.22
C ASP A 12 7.59 16.55 -25.94
N LEU A 13 7.45 15.24 -25.72
CA LEU A 13 6.16 14.63 -25.47
C LEU A 13 5.46 15.23 -24.25
N SER A 14 6.23 15.49 -23.19
CA SER A 14 5.71 16.09 -21.96
C SER A 14 5.06 17.46 -22.22
N GLU A 15 5.72 18.28 -23.03
CA GLU A 15 5.18 19.57 -23.44
C GLU A 15 4.02 19.42 -24.41
N ALA A 16 4.13 18.42 -25.30
CA ALA A 16 3.09 18.13 -26.28
C ALA A 16 1.79 17.68 -25.63
N LEU A 17 1.90 16.88 -24.56
CA LEU A 17 0.75 16.40 -23.80
C LEU A 17 0.09 17.53 -23.02
N LYS A 18 0.91 18.42 -22.45
CA LYS A 18 0.42 19.56 -21.67
C LYS A 18 -0.34 20.55 -22.55
N GLU A 19 0.22 20.84 -23.73
CA GLU A 19 -0.41 21.74 -24.70
C GLU A 19 -1.72 21.18 -25.25
N ALA A 20 -1.72 19.88 -25.54
CA ALA A 20 -2.89 19.20 -26.12
C ALA A 20 -4.06 19.06 -25.16
N THR A 21 -3.76 18.93 -23.87
CA THR A 21 -4.79 18.72 -22.85
C THR A 21 -5.12 19.99 -22.06
N LYS A 22 -4.60 21.13 -22.53
CA LYS A 22 -4.77 22.42 -21.88
C LYS A 22 -6.26 22.78 -21.75
N GLU A 23 -6.99 22.62 -22.85
CA GLU A 23 -8.41 22.97 -22.92
C GLU A 23 -9.30 22.04 -22.10
N VAL A 24 -9.08 20.73 -22.21
CA VAL A 24 -9.88 19.75 -21.47
C VAL A 24 -9.61 19.79 -19.96
N HIS A 25 -8.41 20.24 -19.59
CA HIS A 25 -8.04 20.46 -18.19
C HIS A 25 -8.85 21.61 -17.59
N THR A 26 -9.07 22.65 -18.39
CA THR A 26 -9.93 23.77 -18.02
C THR A 26 -11.38 23.33 -17.82
N GLN A 27 -11.85 22.41 -18.68
CA GLN A 27 -13.17 21.79 -18.53
C GLN A 27 -13.32 21.08 -17.18
N ALA A 28 -12.26 20.37 -16.79
CA ALA A 28 -12.23 19.67 -15.50
C ALA A 28 -12.29 20.64 -14.34
N GLU A 29 -11.57 21.76 -14.46
CA GLU A 29 -11.59 22.83 -13.47
C GLU A 29 -12.98 23.43 -13.31
N ASN A 30 -13.70 23.53 -14.43
CA ASN A 30 -15.05 24.10 -14.46
C ASN A 30 -16.15 23.10 -14.05
N ALA A 31 -15.81 21.82 -13.96
CA ALA A 31 -16.77 20.77 -13.62
C ALA A 31 -17.46 21.03 -12.28
N GLU A 32 -18.76 20.74 -12.25
CA GLU A 32 -19.62 21.04 -11.09
C GLU A 32 -19.12 20.43 -9.78
N PHE A 33 -18.73 19.15 -9.81
CA PHE A 33 -18.19 18.49 -8.62
C PHE A 33 -16.89 19.14 -8.17
N MET A 34 -16.07 19.52 -9.14
CA MET A 34 -14.77 20.14 -8.89
C MET A 34 -14.90 21.54 -8.31
N ARG A 35 -15.88 22.29 -8.80
CA ARG A 35 -16.24 23.60 -8.25
C ARG A 35 -16.65 23.46 -6.78
N ASN A 36 -17.51 22.47 -6.51
CA ASN A 36 -18.01 22.21 -5.16
C ASN A 36 -16.91 21.76 -4.20
N PHE A 37 -16.10 20.80 -4.65
CA PHE A 37 -15.02 20.25 -3.82
C PHE A 37 -14.02 21.33 -3.43
N GLN A 38 -13.63 22.16 -4.39
CA GLN A 38 -12.64 23.23 -4.16
C GLN A 38 -13.11 24.24 -3.12
N LYS A 39 -14.43 24.31 -2.93
CA LYS A 39 -15.02 25.19 -1.93
C LYS A 39 -15.45 24.41 -0.68
N GLY A 40 -14.99 23.17 -0.58
CA GLY A 40 -15.25 22.31 0.58
C GLY A 40 -16.70 21.89 0.75
N GLN A 41 -17.42 21.78 -0.36
CA GLN A 41 -18.85 21.42 -0.33
C GLN A 41 -19.10 19.92 -0.48
N VAL A 42 -18.04 19.14 -0.37
CA VAL A 42 -18.12 17.68 -0.50
C VAL A 42 -18.73 17.03 0.75
N THR A 43 -19.59 16.04 0.53
CA THR A 43 -20.12 15.20 1.59
C THR A 43 -19.33 13.89 1.65
N ARG A 44 -19.50 13.14 2.74
CA ARG A 44 -18.83 11.85 2.89
C ARG A 44 -19.22 10.86 1.78
N ASP A 45 -20.50 10.83 1.43
CA ASP A 45 -21.00 9.98 0.33
C ASP A 45 -20.38 10.39 -1.00
N GLY A 46 -20.25 11.69 -1.21
CA GLY A 46 -19.60 12.24 -2.40
C GLY A 46 -18.13 11.88 -2.47
N PHE A 47 -17.46 11.99 -1.33
CA PHE A 47 -16.03 11.64 -1.24
C PHE A 47 -15.80 10.14 -1.39
N LYS A 48 -16.67 9.34 -0.77
CA LYS A 48 -16.63 7.87 -0.88
C LYS A 48 -16.79 7.43 -2.34
N LEU A 49 -17.69 8.11 -3.05
CA LEU A 49 -17.97 7.85 -4.45
C LEU A 49 -16.73 8.06 -5.32
N VAL A 50 -15.97 9.11 -5.03
CA VAL A 50 -14.74 9.42 -5.76
C VAL A 50 -13.65 8.39 -5.45
N MET A 51 -13.45 8.10 -4.17
CA MET A 51 -12.49 7.09 -3.73
C MET A 51 -12.78 5.72 -4.34
N ALA A 52 -14.05 5.37 -4.43
CA ALA A 52 -14.49 4.14 -5.10
C ALA A 52 -14.14 4.16 -6.58
N SER A 53 -14.41 5.29 -7.24
CA SER A 53 -14.08 5.48 -8.66
C SER A 53 -12.58 5.31 -8.92
N LEU A 54 -11.78 6.02 -8.12
CA LEU A 54 -10.31 5.99 -8.26
C LEU A 54 -9.74 4.59 -8.07
N TYR A 55 -10.32 3.85 -7.13
CA TYR A 55 -9.93 2.46 -6.90
C TYR A 55 -10.11 1.62 -8.17
N HIS A 56 -11.31 1.65 -8.73
CA HIS A 56 -11.61 0.89 -9.96
C HIS A 56 -10.70 1.28 -11.11
N ILE A 57 -10.45 2.59 -11.26
CA ILE A 57 -9.56 3.11 -12.29
C ILE A 57 -8.13 2.62 -12.10
N TYR A 58 -7.63 2.71 -10.87
CA TYR A 58 -6.25 2.30 -10.58
C TYR A 58 -6.02 0.79 -10.61
N VAL A 59 -7.05 0.01 -10.28
CA VAL A 59 -6.99 -1.45 -10.43
C VAL A 59 -6.76 -1.81 -11.90
N ALA A 60 -7.54 -1.20 -12.79
CA ALA A 60 -7.40 -1.43 -14.23
C ALA A 60 -6.06 -0.93 -14.78
N LEU A 61 -5.69 0.30 -14.45
CA LEU A 61 -4.45 0.92 -14.91
C LEU A 61 -3.21 0.14 -14.47
N GLU A 62 -3.12 -0.11 -13.16
CA GLU A 62 -1.95 -0.79 -12.59
C GLU A 62 -1.88 -2.27 -12.92
N GLU A 63 -3.02 -2.84 -13.33
CA GLU A 63 -3.05 -4.20 -13.88
C GLU A 63 -2.39 -4.20 -15.26
N GLU A 64 -2.76 -3.23 -16.09
CA GLU A 64 -2.21 -3.09 -17.43
C GLU A 64 -0.75 -2.65 -17.43
N ILE A 65 -0.37 -1.84 -16.44
CA ILE A 65 1.02 -1.42 -16.26
C ILE A 65 1.91 -2.63 -15.99
N GLU A 66 1.47 -3.50 -15.07
CA GLU A 66 2.19 -4.74 -14.75
C GLU A 66 2.30 -5.69 -15.93
N ARG A 67 1.30 -5.66 -16.81
CA ARG A 67 1.29 -6.48 -18.03
C ARG A 67 2.32 -5.98 -19.04
N ASN A 68 2.51 -4.66 -19.07
CA ASN A 68 3.37 -4.02 -20.08
C ASN A 68 4.63 -3.38 -19.50
N LYS A 69 5.01 -3.77 -18.28
CA LYS A 69 6.14 -3.15 -17.58
C LYS A 69 7.49 -3.41 -18.22
N GLU A 70 7.60 -4.52 -18.96
CA GLU A 70 8.86 -4.90 -19.62
C GLU A 70 9.00 -4.24 -20.99
N SER A 71 7.85 -4.00 -21.63
CA SER A 71 7.81 -3.48 -23.01
C SER A 71 8.50 -2.12 -23.16
N PRO A 72 9.26 -1.93 -24.26
CA PRO A 72 9.94 -0.66 -24.53
C PRO A 72 9.00 0.54 -24.65
N VAL A 73 7.71 0.28 -24.85
CA VAL A 73 6.72 1.35 -24.97
C VAL A 73 6.29 1.94 -23.61
N PHE A 74 6.58 1.23 -22.52
CA PHE A 74 6.22 1.72 -21.18
C PHE A 74 7.35 1.63 -20.14
N ALA A 75 8.25 0.66 -20.30
CA ALA A 75 9.33 0.42 -19.33
C ALA A 75 10.03 1.67 -18.77
N PRO A 76 10.34 2.67 -19.62
CA PRO A 76 10.98 3.89 -19.09
C PRO A 76 10.15 4.71 -18.09
N VAL A 77 8.82 4.64 -18.18
CA VAL A 77 7.96 5.37 -17.22
C VAL A 77 7.39 4.46 -16.14
N TYR A 78 8.00 3.29 -15.98
CA TYR A 78 7.58 2.34 -14.96
C TYR A 78 8.22 2.68 -13.62
N PHE A 79 7.42 3.32 -12.75
CA PHE A 79 7.84 3.69 -11.40
C PHE A 79 6.82 3.14 -10.39
N PRO A 80 6.84 1.82 -10.13
CA PRO A 80 5.82 1.22 -9.27
C PRO A 80 5.90 1.69 -7.82
N GLU A 81 7.11 1.74 -7.26
CA GLU A 81 7.30 2.07 -5.85
C GLU A 81 6.95 3.52 -5.55
N GLU A 82 7.30 4.42 -6.46
CA GLU A 82 7.05 5.85 -6.29
C GLU A 82 5.58 6.22 -6.48
N LEU A 83 4.88 5.51 -7.36
CA LEU A 83 3.57 5.97 -7.84
C LEU A 83 2.34 5.12 -7.51
N HIS A 84 2.51 3.81 -7.36
CA HIS A 84 1.36 2.90 -7.22
C HIS A 84 0.35 3.35 -6.16
N ARG A 85 -0.93 3.27 -6.50
CA ARG A 85 -2.01 3.81 -5.66
C ARG A 85 -3.03 2.77 -5.21
N LYS A 86 -3.03 1.60 -5.85
CA LYS A 86 -4.00 0.55 -5.55
C LYS A 86 -4.01 0.18 -4.06
N ALA A 87 -2.83 -0.14 -3.53
CA ALA A 87 -2.67 -0.56 -2.13
C ALA A 87 -3.18 0.52 -1.17
N ALA A 88 -2.84 1.78 -1.44
CA ALA A 88 -3.28 2.90 -0.63
C ALA A 88 -4.81 3.07 -0.67
N LEU A 89 -5.39 2.86 -1.86
CA LEU A 89 -6.84 2.99 -2.05
C LEU A 89 -7.64 1.88 -1.37
N GLU A 90 -7.08 0.67 -1.35
CA GLU A 90 -7.67 -0.45 -0.62
C GLU A 90 -7.74 -0.14 0.87
N GLN A 91 -6.63 0.40 1.40
CA GLN A 91 -6.56 0.84 2.81
C GLN A 91 -7.64 1.86 3.14
N ASP A 92 -7.81 2.84 2.24
CA ASP A 92 -8.79 3.92 2.44
C ASP A 92 -10.23 3.44 2.32
N LEU A 93 -10.50 2.56 1.36
CA LEU A 93 -11.85 2.05 1.15
C LEU A 93 -12.32 1.17 2.29
N ALA A 94 -11.39 0.41 2.88
CA ALA A 94 -11.67 -0.38 4.08
C ALA A 94 -12.13 0.51 5.23
N PHE A 95 -11.59 1.72 5.30
CA PHE A 95 -12.02 2.71 6.29
C PHE A 95 -13.37 3.33 5.94
N TRP A 96 -13.52 3.73 4.67
CA TRP A 96 -14.71 4.43 4.21
C TRP A 96 -15.94 3.55 4.09
N TYR A 97 -15.77 2.33 3.58
CA TYR A 97 -16.88 1.42 3.35
C TYR A 97 -16.95 0.25 4.34
N GLY A 98 -15.92 0.12 5.18
CA GLY A 98 -15.88 -0.93 6.19
C GLY A 98 -15.27 -2.24 5.69
N PRO A 99 -15.40 -3.32 6.48
CA PRO A 99 -14.83 -4.63 6.16
C PRO A 99 -15.36 -5.24 4.85
N ARG A 100 -16.61 -4.94 4.51
CA ARG A 100 -17.24 -5.47 3.29
C ARG A 100 -17.06 -4.56 2.08
N TRP A 101 -16.06 -3.68 2.13
CA TRP A 101 -15.88 -2.62 1.13
C TRP A 101 -15.94 -3.10 -0.32
N GLN A 102 -15.23 -4.19 -0.62
CA GLN A 102 -15.12 -4.69 -1.99
C GLN A 102 -16.43 -5.24 -2.54
N GLU A 103 -17.34 -5.62 -1.64
CA GLU A 103 -18.66 -6.12 -2.01
C GLU A 103 -19.65 -4.97 -2.24
N VAL A 104 -19.52 -3.90 -1.44
CA VAL A 104 -20.53 -2.85 -1.39
C VAL A 104 -20.23 -1.60 -2.23
N ILE A 105 -18.97 -1.40 -2.60
CA ILE A 105 -18.58 -0.22 -3.39
C ILE A 105 -19.30 -0.17 -4.74
N PRO A 106 -19.78 1.03 -5.14
CA PRO A 106 -20.50 1.17 -6.41
C PRO A 106 -19.58 1.01 -7.61
N TYR A 107 -20.14 0.51 -8.72
CA TYR A 107 -19.43 0.41 -9.98
C TYR A 107 -20.35 0.88 -11.09
N THR A 108 -20.27 2.18 -11.38
CA THR A 108 -21.22 2.86 -12.26
C THR A 108 -20.75 2.89 -13.72
N PRO A 109 -21.67 3.15 -14.68
CA PRO A 109 -21.35 3.25 -16.10
C PRO A 109 -20.09 4.05 -16.45
N ALA A 110 -19.92 5.22 -15.83
CA ALA A 110 -18.76 6.07 -16.10
C ALA A 110 -17.45 5.48 -15.59
N MET A 111 -17.52 4.74 -14.48
CA MET A 111 -16.37 3.98 -13.98
C MET A 111 -16.05 2.85 -14.95
N GLN A 112 -17.10 2.16 -15.39
CA GLN A 112 -16.99 1.04 -16.32
C GLN A 112 -16.34 1.44 -17.64
N ARG A 113 -16.76 2.58 -18.19
CA ARG A 113 -16.22 3.10 -19.45
C ARG A 113 -14.73 3.42 -19.36
N TYR A 114 -14.33 4.01 -18.23
CA TYR A 114 -12.93 4.34 -17.97
C TYR A 114 -12.10 3.06 -17.85
N VAL A 115 -12.57 2.12 -17.02
CA VAL A 115 -11.94 0.81 -16.83
C VAL A 115 -11.84 0.05 -18.17
N LYS A 116 -12.93 0.09 -18.95
CA LYS A 116 -12.98 -0.54 -20.26
C LYS A 116 -11.87 -0.02 -21.18
N ARG A 117 -11.74 1.30 -21.26
CA ARG A 117 -10.72 1.93 -22.10
C ARG A 117 -9.29 1.59 -21.64
N LEU A 118 -9.09 1.59 -20.32
CA LEU A 118 -7.78 1.23 -19.75
C LEU A 118 -7.33 -0.17 -20.14
N HIS A 119 -8.25 -1.12 -20.06
CA HIS A 119 -7.98 -2.51 -20.45
C HIS A 119 -7.78 -2.64 -21.96
N GLU A 120 -8.56 -1.89 -22.72
CA GLU A 120 -8.41 -1.85 -24.19
C GLU A 120 -7.02 -1.36 -24.59
N VAL A 121 -6.56 -0.30 -23.94
CA VAL A 121 -5.23 0.26 -24.20
C VAL A 121 -4.15 -0.75 -23.80
N GLY A 122 -4.19 -1.22 -22.55
CA GLY A 122 -3.18 -2.14 -22.04
C GLY A 122 -3.05 -3.46 -22.78
N ARG A 123 -4.15 -3.93 -23.36
CA ARG A 123 -4.16 -5.22 -24.05
C ARG A 123 -3.87 -5.12 -25.56
N THR A 124 -4.33 -4.05 -26.19
CA THR A 124 -4.21 -3.92 -27.65
C THR A 124 -3.35 -2.74 -28.12
N GLU A 125 -3.28 -1.69 -27.31
CA GLU A 125 -2.50 -0.49 -27.65
C GLU A 125 -1.57 -0.05 -26.51
N PRO A 126 -0.64 -0.93 -26.07
CA PRO A 126 0.16 -0.62 -24.88
C PRO A 126 1.03 0.64 -25.03
N GLU A 127 1.25 1.08 -26.26
CA GLU A 127 2.03 2.29 -26.53
C GLU A 127 1.34 3.58 -26.07
N LEU A 128 0.03 3.50 -25.84
CA LEU A 128 -0.74 4.66 -25.39
C LEU A 128 -0.95 4.67 -23.88
N LEU A 129 -0.48 3.62 -23.20
CA LEU A 129 -0.63 3.48 -21.75
C LEU A 129 0.03 4.62 -20.99
N VAL A 130 1.11 5.17 -21.56
CA VAL A 130 1.79 6.33 -21.00
C VAL A 130 0.86 7.55 -20.88
N ALA A 131 -0.09 7.68 -21.81
CA ALA A 131 -1.05 8.78 -21.79
C ALA A 131 -2.00 8.69 -20.59
N HIS A 132 -2.41 7.47 -20.27
CA HIS A 132 -3.26 7.23 -19.10
C HIS A 132 -2.49 7.31 -17.79
N ALA A 133 -1.26 6.80 -17.79
CA ALA A 133 -0.38 6.89 -16.62
C ALA A 133 0.02 8.33 -16.33
N TYR A 134 0.24 9.12 -17.38
CA TYR A 134 0.47 10.56 -17.25
C TYR A 134 -0.73 11.27 -16.62
N THR A 135 -1.91 10.99 -17.18
CA THR A 135 -3.15 11.64 -16.78
C THR A 135 -3.50 11.35 -15.32
N ARG A 136 -3.36 10.09 -14.92
CA ARG A 136 -3.62 9.67 -13.54
C ARG A 136 -2.54 10.12 -12.57
N TYR A 137 -1.32 9.60 -12.73
CA TYR A 137 -0.26 9.79 -11.75
C TYR A 137 0.16 11.24 -11.52
N LEU A 138 0.53 11.93 -12.60
CA LEU A 138 1.02 13.31 -12.50
C LEU A 138 -0.06 14.29 -12.02
N GLY A 139 -1.30 14.03 -12.42
CA GLY A 139 -2.43 14.78 -11.91
C GLY A 139 -2.65 14.57 -10.43
N ASP A 140 -2.74 13.31 -10.02
CA ASP A 140 -2.97 12.95 -8.61
C ASP A 140 -1.80 13.38 -7.70
N LEU A 141 -0.58 13.32 -8.24
CA LEU A 141 0.61 13.78 -7.52
C LEU A 141 0.60 15.30 -7.32
N SER A 142 0.19 16.04 -8.35
CA SER A 142 0.14 17.50 -8.29
C SER A 142 -0.88 18.03 -7.29
N GLY A 143 -2.06 17.42 -7.26
CA GLY A 143 -3.15 17.89 -6.41
C GLY A 143 -3.34 17.14 -5.10
N GLY A 144 -2.57 16.06 -4.92
CA GLY A 144 -2.71 15.17 -3.77
C GLY A 144 -2.85 15.82 -2.41
N GLN A 145 -1.91 16.70 -2.07
CA GLN A 145 -1.90 17.32 -0.74
C GLN A 145 -2.90 18.46 -0.60
N VAL A 146 -3.23 19.12 -1.71
CA VAL A 146 -4.25 20.15 -1.74
C VAL A 146 -5.64 19.54 -1.55
N LEU A 147 -5.90 18.43 -2.26
CA LEU A 147 -7.18 17.74 -2.15
C LEU A 147 -7.37 17.10 -0.77
N LYS A 148 -6.28 16.59 -0.20
CA LYS A 148 -6.30 16.03 1.15
C LYS A 148 -6.70 17.09 2.18
N LYS A 149 -6.10 18.27 2.09
CA LYS A 149 -6.35 19.37 3.02
C LYS A 149 -7.80 19.85 2.97
N ILE A 150 -8.38 19.86 1.76
CA ILE A 150 -9.80 20.17 1.59
C ILE A 150 -10.66 19.08 2.23
N ALA A 151 -10.31 17.83 1.98
CA ALA A 151 -11.03 16.67 2.53
C ALA A 151 -10.97 16.61 4.06
N GLN A 152 -9.81 16.96 4.63
CA GLN A 152 -9.63 16.99 6.07
C GLN A 152 -10.55 18.03 6.73
N LYS A 153 -10.62 19.22 6.13
CA LYS A 153 -11.42 20.32 6.64
C LYS A 153 -12.92 20.03 6.54
N ALA A 154 -13.34 19.45 5.43
CA ALA A 154 -14.76 19.27 5.12
C ALA A 154 -15.40 18.02 5.73
N LEU A 155 -14.65 16.92 5.79
CA LEU A 155 -15.22 15.61 6.16
C LEU A 155 -15.25 15.31 7.65
N ASP A 156 -14.43 16.01 8.43
CA ASP A 156 -14.36 15.85 9.90
C ASP A 156 -14.20 14.40 10.33
N LEU A 157 -13.04 13.82 10.02
CA LEU A 157 -12.73 12.42 10.31
C LEU A 157 -12.52 12.16 11.81
N PRO A 158 -12.70 10.91 12.25
CA PRO A 158 -12.23 10.53 13.58
C PRO A 158 -10.69 10.45 13.62
N SER A 159 -10.13 10.31 14.81
CA SER A 159 -8.68 10.20 14.98
C SER A 159 -8.23 8.74 14.78
N SER A 160 -8.61 8.16 13.64
CA SER A 160 -8.38 6.75 13.37
C SER A 160 -7.12 6.48 12.55
N GLY A 161 -6.50 7.54 12.02
CA GLY A 161 -5.29 7.42 11.21
C GLY A 161 -5.46 6.63 9.93
N GLU A 162 -6.65 6.74 9.33
CA GLU A 162 -7.01 5.99 8.13
C GLU A 162 -7.94 6.79 7.23
N GLY A 163 -7.93 6.46 5.94
CA GLY A 163 -8.90 7.03 5.00
C GLY A 163 -8.33 7.95 3.94
N LEU A 164 -7.10 8.44 4.14
CA LEU A 164 -6.51 9.40 3.21
C LEU A 164 -5.10 9.02 2.73
N ALA A 165 -4.79 7.72 2.75
CA ALA A 165 -3.49 7.23 2.30
C ALA A 165 -3.20 7.50 0.82
N PHE A 166 -4.27 7.54 0.02
CA PHE A 166 -4.17 7.81 -1.43
C PHE A 166 -3.51 9.15 -1.75
N PHE A 167 -3.73 10.14 -0.89
CA PHE A 167 -3.30 11.51 -1.15
C PHE A 167 -1.84 11.78 -0.77
N THR A 168 -1.19 10.81 -0.15
CA THR A 168 0.23 10.88 0.15
C THR A 168 1.00 9.84 -0.68
N PHE A 169 2.00 10.31 -1.41
CA PHE A 169 2.96 9.44 -2.09
C PHE A 169 4.21 9.35 -1.20
N PRO A 170 4.29 8.29 -0.36
CA PRO A 170 5.36 8.19 0.64
C PRO A 170 6.76 8.02 0.04
N ASN A 171 6.84 7.47 -1.17
CA ASN A 171 8.13 7.25 -1.81
C ASN A 171 8.52 8.38 -2.77
N ILE A 172 7.76 9.47 -2.74
CA ILE A 172 8.12 10.70 -3.43
C ILE A 172 8.23 11.85 -2.41
N ALA A 173 9.46 12.23 -2.10
CA ALA A 173 9.70 13.33 -1.17
C ALA A 173 9.36 14.68 -1.80
N SER A 174 9.77 14.87 -3.06
CA SER A 174 9.53 16.10 -3.79
C SER A 174 8.79 15.83 -5.10
N ALA A 175 7.57 16.36 -5.19
CA ALA A 175 6.72 16.17 -6.37
C ALA A 175 7.37 16.75 -7.64
N THR A 176 7.94 17.94 -7.51
CA THR A 176 8.65 18.61 -8.62
C THR A 176 9.82 17.76 -9.10
N LYS A 177 10.61 17.25 -8.16
CA LYS A 177 11.76 16.39 -8.47
C LYS A 177 11.33 15.17 -9.28
N PHE A 178 10.30 14.47 -8.81
CA PHE A 178 9.81 13.28 -9.52
C PHE A 178 9.16 13.62 -10.86
N LYS A 179 8.36 14.68 -10.90
CA LYS A 179 7.68 15.07 -12.13
C LYS A 179 8.65 15.40 -13.26
N GLN A 180 9.75 16.06 -12.92
CA GLN A 180 10.81 16.36 -13.90
C GLN A 180 11.44 15.08 -14.44
N LEU A 181 11.64 14.11 -13.55
CA LEU A 181 12.16 12.80 -13.93
C LEU A 181 11.17 12.04 -14.81
N TYR A 182 9.90 12.07 -14.42
CA TYR A 182 8.85 11.37 -15.16
C TYR A 182 8.66 11.95 -16.56
N ARG A 183 8.72 13.28 -16.66
CA ARG A 183 8.63 13.98 -17.95
C ARG A 183 9.76 13.58 -18.88
N SER A 184 10.98 13.54 -18.34
CA SER A 184 12.16 13.12 -19.10
C SER A 184 12.01 11.70 -19.61
N ARG A 185 11.45 10.84 -18.77
CA ARG A 185 11.20 9.44 -19.12
C ARG A 185 10.11 9.31 -20.18
N MET A 186 9.10 10.17 -20.11
CA MET A 186 8.08 10.27 -21.17
C MET A 186 8.72 10.71 -22.49
N ASN A 187 9.64 11.68 -22.41
CA ASN A 187 10.34 12.18 -23.58
C ASN A 187 11.37 11.20 -24.15
N SER A 188 11.82 10.27 -23.30
CA SER A 188 12.78 9.24 -23.71
C SER A 188 12.14 8.13 -24.56
N LEU A 189 10.81 8.06 -24.52
CA LEU A 189 10.05 7.05 -25.27
C LEU A 189 10.26 7.16 -26.77
N GLU A 190 10.68 6.05 -27.37
CA GLU A 190 10.84 5.95 -28.82
C GLU A 190 9.49 5.62 -29.45
N MET A 191 9.00 6.53 -30.30
CA MET A 191 7.75 6.32 -31.04
C MET A 191 7.73 7.04 -32.39
N THR A 192 7.00 6.45 -33.33
CA THR A 192 6.81 7.02 -34.67
C THR A 192 5.86 8.23 -34.60
N PRO A 193 5.88 9.08 -35.66
CA PRO A 193 4.95 10.22 -35.75
C PRO A 193 3.48 9.81 -35.57
N ALA A 194 3.09 8.66 -36.12
CA ALA A 194 1.72 8.16 -36.04
C ALA A 194 1.33 7.79 -34.61
N VAL A 195 2.21 7.05 -33.92
CA VAL A 195 2.00 6.65 -32.53
C VAL A 195 1.95 7.88 -31.61
N ARG A 196 2.89 8.80 -31.82
CA ARG A 196 2.96 10.05 -31.06
C ARG A 196 1.65 10.82 -31.08
N GLN A 197 1.05 10.96 -32.26
CA GLN A 197 -0.24 11.63 -32.41
C GLN A 197 -1.36 10.86 -31.68
N ARG A 198 -1.31 9.54 -31.72
CA ARG A 198 -2.30 8.71 -31.03
C ARG A 198 -2.17 8.80 -29.51
N VAL A 199 -0.94 8.92 -29.03
CA VAL A 199 -0.67 9.14 -27.60
C VAL A 199 -1.31 10.45 -27.15
N ILE A 200 -1.08 11.50 -27.94
CA ILE A 200 -1.67 12.83 -27.72
C ILE A 200 -3.19 12.75 -27.61
N GLU A 201 -3.81 12.07 -28.59
CA GLU A 201 -5.26 11.88 -28.63
C GLU A 201 -5.79 11.08 -27.45
N GLU A 202 -5.02 10.08 -27.03
CA GLU A 202 -5.40 9.23 -25.89
C GLU A 202 -5.41 10.01 -24.57
N ALA A 203 -4.49 10.96 -24.45
CA ALA A 203 -4.43 11.84 -23.28
C ALA A 203 -5.69 12.70 -23.15
N LYS A 204 -6.19 13.20 -24.28
CA LYS A 204 -7.43 13.96 -24.31
C LYS A 204 -8.62 13.07 -23.97
N THR A 205 -8.62 11.85 -24.52
CA THR A 205 -9.61 10.83 -24.20
C THR A 205 -9.61 10.54 -22.70
N ALA A 206 -8.42 10.41 -22.12
CA ALA A 206 -8.26 10.16 -20.69
C ALA A 206 -8.86 11.29 -19.83
N PHE A 207 -8.57 12.53 -20.22
CA PHE A 207 -9.16 13.70 -19.57
C PHE A 207 -10.68 13.72 -19.72
N LEU A 208 -11.17 13.34 -20.89
CA LEU A 208 -12.61 13.30 -21.17
C LEU A 208 -13.33 12.21 -20.39
N LEU A 209 -12.65 11.08 -20.17
CA LEU A 209 -13.17 10.00 -19.33
C LEU A 209 -13.30 10.45 -17.88
N ASN A 210 -12.37 11.30 -17.44
CA ASN A 210 -12.42 11.90 -16.11
C ASN A 210 -13.54 12.93 -15.99
N ILE A 211 -13.72 13.75 -17.03
CA ILE A 211 -14.81 14.73 -17.08
C ILE A 211 -16.17 14.05 -17.05
N GLN A 212 -16.34 13.04 -17.91
CA GLN A 212 -17.56 12.24 -17.96
C GLN A 212 -17.86 11.54 -16.63
N LEU A 213 -16.80 11.11 -15.94
CA LEU A 213 -16.93 10.49 -14.63
C LEU A 213 -17.48 11.44 -13.58
N PHE A 214 -16.85 12.60 -13.43
CA PHE A 214 -17.25 13.58 -12.43
C PHE A 214 -18.60 14.24 -12.71
N GLU A 215 -19.00 14.25 -13.99
CA GLU A 215 -20.34 14.67 -14.38
C GLU A 215 -21.39 13.66 -13.91
N GLU A 216 -21.08 12.38 -14.09
CA GLU A 216 -21.95 11.30 -13.65
C GLU A 216 -22.08 11.28 -12.12
N LEU A 217 -20.95 11.43 -11.42
CA LEU A 217 -20.92 11.43 -9.96
C LEU A 217 -21.74 12.58 -9.38
N GLN A 218 -21.63 13.76 -10.01
CA GLN A 218 -22.43 14.93 -9.65
C GLN A 218 -23.92 14.65 -9.83
N GLU A 219 -24.26 13.99 -10.94
CA GLU A 219 -25.65 13.62 -11.25
C GLU A 219 -26.21 12.63 -10.24
N LEU A 220 -25.38 11.67 -9.82
CA LEU A 220 -25.78 10.65 -8.85
C LEU A 220 -25.98 11.24 -7.45
N LEU A 221 -25.18 12.25 -7.11
CA LEU A 221 -25.25 12.88 -5.79
C LEU A 221 -26.47 13.77 -5.59
N THR A 222 -27.10 14.17 -6.68
CA THR A 222 -28.32 14.97 -6.62
C THR A 222 -29.51 14.25 -7.28
N HIS A 223 -30.23 13.43 -6.51
CA HIS A 223 -29.93 13.14 -5.10
C HIS A 223 -29.23 11.80 -4.96
N PRO B 10 2.46 -31.40 17.14
CA PRO B 10 1.46 -32.15 16.40
C PRO B 10 1.88 -32.40 14.95
N GLN B 11 1.09 -33.19 14.23
CA GLN B 11 1.43 -33.60 12.86
C GLN B 11 1.29 -32.46 11.86
N ASP B 12 0.24 -31.66 12.01
CA ASP B 12 0.05 -30.46 11.19
C ASP B 12 1.05 -29.38 11.59
N LEU B 13 1.71 -28.79 10.59
CA LEU B 13 2.72 -27.77 10.81
C LEU B 13 2.16 -26.56 11.56
N SER B 14 0.93 -26.17 11.21
CA SER B 14 0.24 -25.04 11.84
C SER B 14 0.11 -25.21 13.36
N GLU B 15 -0.24 -26.42 13.78
CA GLU B 15 -0.35 -26.75 15.20
C GLU B 15 1.02 -26.95 15.85
N ALA B 16 1.95 -27.52 15.10
CA ALA B 16 3.32 -27.76 15.58
C ALA B 16 4.07 -26.46 15.85
N LEU B 17 3.87 -25.46 15.00
CA LEU B 17 4.46 -24.14 15.17
C LEU B 17 3.86 -23.42 16.38
N LYS B 18 2.54 -23.57 16.54
CA LYS B 18 1.82 -22.97 17.67
C LYS B 18 2.30 -23.56 19.00
N GLU B 19 2.49 -24.88 19.02
CA GLU B 19 2.87 -25.61 20.23
C GLU B 19 4.34 -25.36 20.59
N ALA B 20 5.17 -25.19 19.58
CA ALA B 20 6.61 -24.97 19.79
C ALA B 20 6.97 -23.55 20.21
N THR B 21 6.15 -22.58 19.79
CA THR B 21 6.43 -21.17 20.07
C THR B 21 5.60 -20.62 21.23
N LYS B 22 4.91 -21.50 21.93
CA LYS B 22 4.03 -21.12 23.05
C LYS B 22 4.79 -20.43 24.18
N GLU B 23 5.94 -20.99 24.56
CA GLU B 23 6.76 -20.48 25.65
C GLU B 23 7.39 -19.13 25.31
N VAL B 24 7.99 -19.02 24.13
CA VAL B 24 8.61 -17.77 23.68
C VAL B 24 7.56 -16.68 23.40
N HIS B 25 6.34 -17.10 23.07
CA HIS B 25 5.21 -16.18 22.92
C HIS B 25 4.82 -15.58 24.28
N THR B 26 4.91 -16.39 25.33
CA THR B 26 4.67 -15.93 26.70
C THR B 26 5.77 -14.95 27.15
N GLN B 27 7.01 -15.20 26.72
CA GLN B 27 8.13 -14.27 26.93
C GLN B 27 7.83 -12.91 26.32
N ALA B 28 7.27 -12.93 25.11
CA ALA B 28 6.89 -11.72 24.39
C ALA B 28 5.78 -10.96 25.12
N GLU B 29 4.83 -11.69 25.68
CA GLU B 29 3.75 -11.10 26.48
C GLU B 29 4.28 -10.42 27.74
N ASN B 30 5.33 -11.00 28.32
CA ASN B 30 5.93 -10.50 29.55
C ASN B 30 6.95 -9.38 29.34
N ALA B 31 7.36 -9.17 28.09
CA ALA B 31 8.34 -8.13 27.73
C ALA B 31 7.91 -6.75 28.22
N GLU B 32 8.88 -5.98 28.72
CA GLU B 32 8.63 -4.66 29.32
C GLU B 32 7.85 -3.71 28.42
N PHE B 33 8.27 -3.61 27.15
CA PHE B 33 7.61 -2.73 26.19
C PHE B 33 6.18 -3.16 25.91
N MET B 34 5.98 -4.48 25.84
CA MET B 34 4.67 -5.06 25.59
C MET B 34 3.73 -4.85 26.78
N ARG B 35 4.26 -5.01 27.99
CA ARG B 35 3.53 -4.69 29.22
C ARG B 35 3.07 -3.23 29.21
N ASN B 36 3.99 -2.32 28.90
CA ASN B 36 3.69 -0.89 28.85
C ASN B 36 2.64 -0.54 27.79
N PHE B 37 2.78 -1.16 26.61
CA PHE B 37 1.84 -0.93 25.51
C PHE B 37 0.43 -1.40 25.85
N GLN B 38 0.33 -2.58 26.46
CA GLN B 38 -0.95 -3.15 26.93
C GLN B 38 -1.78 -2.13 27.73
N LYS B 39 -1.09 -1.40 28.60
CA LYS B 39 -1.74 -0.42 29.46
C LYS B 39 -1.66 1.01 28.91
N GLY B 40 -1.36 1.12 27.62
CA GLY B 40 -1.30 2.40 26.92
C GLY B 40 -0.26 3.37 27.44
N GLN B 41 0.92 2.85 27.78
CA GLN B 41 2.02 3.67 28.30
C GLN B 41 3.03 4.03 27.20
N VAL B 42 2.61 3.88 25.95
CA VAL B 42 3.46 4.17 24.80
C VAL B 42 3.48 5.67 24.49
N THR B 43 4.67 6.18 24.15
CA THR B 43 4.82 7.55 23.66
C THR B 43 4.90 7.53 22.14
N ARG B 44 4.75 8.69 21.52
CA ARG B 44 4.89 8.79 20.06
C ARG B 44 6.27 8.35 19.57
N ASP B 45 7.32 8.74 20.30
CA ASP B 45 8.69 8.30 20.02
C ASP B 45 8.81 6.77 20.05
N GLY B 46 8.23 6.16 21.08
CA GLY B 46 8.22 4.71 21.22
C GLY B 46 7.46 4.01 20.11
N PHE B 47 6.34 4.59 19.72
CA PHE B 47 5.51 4.06 18.64
C PHE B 47 6.21 4.20 17.28
N LYS B 48 6.82 5.36 17.03
CA LYS B 48 7.61 5.60 15.82
C LYS B 48 8.74 4.59 15.69
N LEU B 49 9.35 4.25 16.82
CA LEU B 49 10.48 3.31 16.88
C LEU B 49 10.08 1.90 16.44
N VAL B 50 8.87 1.49 16.82
CA VAL B 50 8.35 0.16 16.44
C VAL B 50 7.94 0.13 14.98
N MET B 51 7.30 1.20 14.52
CA MET B 51 6.87 1.31 13.12
C MET B 51 8.06 1.29 12.17
N ALA B 52 9.14 1.98 12.55
CA ALA B 52 10.39 1.94 11.81
C ALA B 52 10.99 0.53 11.79
N SER B 53 10.98 -0.13 12.94
CA SER B 53 11.44 -1.51 13.06
C SER B 53 10.66 -2.43 12.12
N LEU B 54 9.34 -2.37 12.21
CA LEU B 54 8.45 -3.18 11.38
C LEU B 54 8.68 -2.96 9.89
N TYR B 55 8.91 -1.70 9.51
CA TYR B 55 9.21 -1.35 8.13
C TYR B 55 10.44 -2.10 7.61
N HIS B 56 11.56 -1.98 8.32
CA HIS B 56 12.81 -2.63 7.94
C HIS B 56 12.65 -4.16 7.85
N ILE B 57 11.93 -4.72 8.82
CA ILE B 57 11.64 -6.14 8.86
C ILE B 57 10.79 -6.58 7.66
N TYR B 58 9.72 -5.84 7.39
CA TYR B 58 8.84 -6.16 6.27
C TYR B 58 9.45 -5.92 4.88
N VAL B 59 10.36 -4.96 4.79
CA VAL B 59 11.12 -4.73 3.56
C VAL B 59 11.94 -5.98 3.22
N ALA B 60 12.67 -6.49 4.21
CA ALA B 60 13.49 -7.69 4.06
C ALA B 60 12.65 -8.94 3.80
N LEU B 61 11.60 -9.13 4.59
CA LEU B 61 10.70 -10.29 4.47
C LEU B 61 10.05 -10.36 3.09
N GLU B 62 9.42 -9.26 2.68
CA GLU B 62 8.67 -9.21 1.43
C GLU B 62 9.57 -9.13 0.19
N GLU B 63 10.84 -8.76 0.39
CA GLU B 63 11.87 -8.90 -0.63
C GLU B 63 12.13 -10.38 -0.92
N GLU B 64 12.34 -11.13 0.17
CA GLU B 64 12.66 -12.56 0.08
C GLU B 64 11.46 -13.38 -0.38
N ILE B 65 10.27 -12.96 0.04
CA ILE B 65 9.03 -13.59 -0.39
C ILE B 65 8.89 -13.46 -1.92
N GLU B 66 9.11 -12.26 -2.45
CA GLU B 66 9.05 -12.02 -3.90
C GLU B 66 10.11 -12.81 -4.66
N ARG B 67 11.26 -13.04 -4.03
CA ARG B 67 12.33 -13.83 -4.61
C ARG B 67 11.95 -15.30 -4.69
N ASN B 68 11.18 -15.77 -3.71
CA ASN B 68 10.83 -17.18 -3.57
C ASN B 68 9.35 -17.49 -3.78
N LYS B 69 8.63 -16.57 -4.44
CA LYS B 69 7.18 -16.64 -4.55
C LYS B 69 6.62 -17.82 -5.37
N GLU B 70 7.36 -18.27 -6.38
CA GLU B 70 6.92 -19.39 -7.20
C GLU B 70 7.64 -20.70 -6.91
N SER B 71 8.48 -20.68 -5.88
CA SER B 71 9.15 -21.89 -5.40
C SER B 71 8.18 -22.76 -4.60
N PRO B 72 8.22 -24.09 -4.80
CA PRO B 72 7.33 -25.01 -4.08
C PRO B 72 7.41 -24.91 -2.56
N VAL B 73 8.54 -24.43 -2.05
CA VAL B 73 8.74 -24.29 -0.60
C VAL B 73 8.00 -23.11 0.04
N PHE B 74 7.50 -22.19 -0.80
CA PHE B 74 6.75 -21.03 -0.30
C PHE B 74 5.46 -20.72 -1.06
N ALA B 75 5.40 -21.08 -2.34
CA ALA B 75 4.25 -20.75 -3.21
C ALA B 75 2.86 -20.95 -2.60
N PRO B 76 2.62 -22.07 -1.88
CA PRO B 76 1.31 -22.25 -1.25
C PRO B 76 0.90 -21.18 -0.24
N VAL B 77 1.86 -20.61 0.49
CA VAL B 77 1.56 -19.57 1.48
C VAL B 77 1.79 -18.15 0.94
N TYR B 78 1.90 -18.04 -0.37
CA TYR B 78 2.09 -16.75 -1.03
C TYR B 78 0.73 -16.07 -1.20
N PHE B 79 0.46 -15.09 -0.34
CA PHE B 79 -0.75 -14.29 -0.41
C PHE B 79 -0.37 -12.80 -0.39
N PRO B 80 0.15 -12.28 -1.53
CA PRO B 80 0.64 -10.90 -1.57
C PRO B 80 -0.44 -9.85 -1.30
N GLU B 81 -1.57 -9.95 -1.99
CA GLU B 81 -2.64 -8.95 -1.90
C GLU B 81 -3.27 -8.89 -0.50
N GLU B 82 -3.46 -10.06 0.12
CA GLU B 82 -4.09 -10.14 1.43
C GLU B 82 -3.19 -9.67 2.57
N LEU B 83 -1.89 -9.92 2.45
CA LEU B 83 -0.97 -9.78 3.58
C LEU B 83 0.08 -8.65 3.52
N HIS B 84 0.54 -8.28 2.33
CA HIS B 84 1.67 -7.36 2.19
C HIS B 84 1.52 -6.09 3.05
N ARG B 85 2.60 -5.72 3.74
CA ARG B 85 2.56 -4.63 4.72
C ARG B 85 3.50 -3.48 4.40
N LYS B 86 4.45 -3.73 3.50
CA LYS B 86 5.47 -2.73 3.14
C LYS B 86 4.85 -1.40 2.70
N ALA B 87 3.93 -1.46 1.74
CA ALA B 87 3.25 -0.28 1.21
C ALA B 87 2.55 0.51 2.30
N ALA B 88 1.82 -0.20 3.17
CA ALA B 88 1.11 0.40 4.29
C ALA B 88 2.06 1.07 5.29
N LEU B 89 3.19 0.43 5.56
CA LEU B 89 4.20 0.98 6.47
C LEU B 89 4.92 2.21 5.92
N GLU B 90 5.15 2.23 4.61
CA GLU B 90 5.69 3.41 3.93
C GLU B 90 4.73 4.59 4.08
N GLN B 91 3.44 4.34 3.85
CA GLN B 91 2.39 5.34 4.06
C GLN B 91 2.42 5.89 5.48
N ASP B 92 2.54 5.00 6.46
CA ASP B 92 2.52 5.37 7.87
C ASP B 92 3.77 6.14 8.30
N LEU B 93 4.94 5.71 7.79
CA LEU B 93 6.20 6.35 8.16
C LEU B 93 6.32 7.76 7.59
N ALA B 94 5.74 7.97 6.40
CA ALA B 94 5.66 9.30 5.80
C ALA B 94 4.91 10.28 6.71
N PHE B 95 3.92 9.75 7.44
CA PHE B 95 3.19 10.54 8.43
C PHE B 95 3.99 10.73 9.73
N TRP B 96 4.53 9.64 10.26
CA TRP B 96 5.23 9.66 11.54
C TRP B 96 6.58 10.39 11.51
N TYR B 97 7.30 10.28 10.40
CA TYR B 97 8.64 10.88 10.27
C TYR B 97 8.70 12.02 9.26
N GLY B 98 7.60 12.28 8.55
CA GLY B 98 7.58 13.33 7.54
C GLY B 98 8.13 12.90 6.19
N PRO B 99 8.31 13.86 5.27
CA PRO B 99 8.78 13.61 3.89
C PRO B 99 10.16 12.96 3.81
N ARG B 100 11.02 13.23 4.78
CA ARG B 100 12.39 12.70 4.79
C ARG B 100 12.50 11.38 5.55
N TRP B 101 11.38 10.68 5.70
CA TRP B 101 11.31 9.49 6.56
C TRP B 101 12.37 8.43 6.26
N GLN B 102 12.61 8.13 4.98
CA GLN B 102 13.53 7.06 4.60
C GLN B 102 14.98 7.38 4.94
N GLU B 103 15.28 8.66 5.10
CA GLU B 103 16.62 9.13 5.48
C GLU B 103 16.80 9.21 6.99
N VAL B 104 15.72 9.48 7.71
CA VAL B 104 15.80 9.81 9.13
C VAL B 104 15.39 8.69 10.10
N ILE B 105 14.70 7.66 9.58
CA ILE B 105 14.28 6.53 10.42
C ILE B 105 15.50 5.80 11.00
N PRO B 106 15.42 5.40 12.29
CA PRO B 106 16.53 4.70 12.92
C PRO B 106 16.71 3.28 12.38
N TYR B 107 17.95 2.81 12.39
CA TYR B 107 18.26 1.43 12.00
C TYR B 107 19.24 0.83 13.00
N THR B 108 18.69 0.29 14.08
CA THR B 108 19.47 -0.18 15.23
C THR B 108 19.94 -1.63 15.07
N PRO B 109 20.95 -2.05 15.85
CA PRO B 109 21.50 -3.40 15.80
C PRO B 109 20.47 -4.54 15.82
N ALA B 110 19.44 -4.42 16.66
CA ALA B 110 18.40 -5.47 16.75
C ALA B 110 17.52 -5.54 15.51
N MET B 111 17.29 -4.40 14.86
CA MET B 111 16.61 -4.37 13.56
C MET B 111 17.49 -5.03 12.51
N GLN B 112 18.78 -4.67 12.53
CA GLN B 112 19.78 -5.19 11.60
C GLN B 112 19.89 -6.70 11.70
N ARG B 113 19.91 -7.23 12.92
CA ARG B 113 20.04 -8.67 13.17
C ARG B 113 18.82 -9.44 12.65
N TYR B 114 17.64 -8.86 12.83
CA TYR B 114 16.39 -9.43 12.32
C TYR B 114 16.41 -9.44 10.79
N VAL B 115 16.74 -8.29 10.19
CA VAL B 115 16.85 -8.14 8.74
C VAL B 115 17.92 -9.08 8.15
N LYS B 116 19.07 -9.16 8.83
CA LYS B 116 20.16 -10.05 8.43
C LYS B 116 19.69 -11.49 8.34
N ARG B 117 18.98 -11.96 9.37
CA ARG B 117 18.45 -13.32 9.39
C ARG B 117 17.43 -13.57 8.29
N LEU B 118 16.54 -12.59 8.07
CA LEU B 118 15.53 -12.69 7.02
C LEU B 118 16.14 -12.90 5.63
N HIS B 119 17.18 -12.14 5.31
CA HIS B 119 17.86 -12.25 4.02
C HIS B 119 18.65 -13.55 3.90
N GLU B 120 19.23 -14.00 5.01
CA GLU B 120 19.93 -15.29 5.06
C GLU B 120 18.98 -16.45 4.76
N VAL B 121 17.78 -16.38 5.34
CA VAL B 121 16.76 -17.40 5.11
C VAL B 121 16.31 -17.38 3.65
N GLY B 122 15.89 -16.20 3.17
CA GLY B 122 15.41 -16.06 1.79
C GLY B 122 16.41 -16.41 0.71
N ARG B 123 17.69 -16.15 0.98
CA ARG B 123 18.76 -16.39 0.00
C ARG B 123 19.33 -17.81 0.05
N THR B 124 19.42 -18.40 1.24
CA THR B 124 20.09 -19.70 1.40
C THR B 124 19.20 -20.81 1.96
N GLU B 125 18.17 -20.46 2.73
CA GLU B 125 17.25 -21.43 3.30
C GLU B 125 15.78 -21.07 3.04
N PRO B 126 15.37 -20.92 1.75
CA PRO B 126 14.02 -20.44 1.45
C PRO B 126 12.90 -21.34 2.00
N GLU B 127 13.24 -22.57 2.35
CA GLU B 127 12.29 -23.51 2.95
C GLU B 127 11.82 -23.11 4.35
N LEU B 128 12.59 -22.21 4.99
CA LEU B 128 12.27 -21.74 6.34
C LEU B 128 11.54 -20.39 6.34
N LEU B 129 11.37 -19.81 5.15
CA LEU B 129 10.74 -18.49 5.02
C LEU B 129 9.30 -18.48 5.55
N VAL B 130 8.62 -19.63 5.44
CA VAL B 130 7.27 -19.81 5.98
C VAL B 130 7.21 -19.52 7.49
N ALA B 131 8.25 -19.90 8.22
CA ALA B 131 8.33 -19.69 9.66
C ALA B 131 8.37 -18.20 10.00
N HIS B 132 9.09 -17.42 9.20
CA HIS B 132 9.16 -15.97 9.38
C HIS B 132 7.88 -15.27 8.92
N ALA B 133 7.32 -15.75 7.81
CA ALA B 133 6.04 -15.22 7.31
C ALA B 133 4.90 -15.51 8.29
N TYR B 134 4.90 -16.71 8.88
CA TYR B 134 3.95 -17.07 9.93
C TYR B 134 4.07 -16.15 11.14
N THR B 135 5.29 -15.99 11.62
CA THR B 135 5.59 -15.20 12.81
C THR B 135 5.15 -13.73 12.64
N ARG B 136 5.47 -13.14 11.50
CA ARG B 136 5.08 -11.77 11.20
C ARG B 136 3.60 -11.64 10.87
N TYR B 137 3.16 -12.26 9.78
CA TYR B 137 1.81 -12.03 9.25
C TYR B 137 0.69 -12.44 10.19
N LEU B 138 0.70 -13.68 10.66
CA LEU B 138 -0.37 -14.21 11.51
C LEU B 138 -0.43 -13.54 12.88
N GLY B 139 0.73 -13.17 13.41
CA GLY B 139 0.82 -12.37 14.63
C GLY B 139 0.24 -10.98 14.43
N ASP B 140 0.73 -10.28 13.40
CA ASP B 140 0.28 -8.91 13.11
C ASP B 140 -1.20 -8.83 12.72
N LEU B 141 -1.69 -9.88 12.04
CA LEU B 141 -3.10 -9.99 11.68
C LEU B 141 -3.99 -10.21 12.93
N SER B 142 -3.48 -10.98 13.89
CA SER B 142 -4.21 -11.30 15.11
C SER B 142 -4.38 -10.10 16.05
N GLY B 143 -3.34 -9.30 16.18
CA GLY B 143 -3.34 -8.18 17.12
C GLY B 143 -3.62 -6.82 16.51
N GLY B 144 -3.57 -6.75 15.18
CA GLY B 144 -3.73 -5.50 14.44
C GLY B 144 -4.77 -4.53 14.97
N GLN B 145 -6.00 -5.00 15.10
CA GLN B 145 -7.12 -4.14 15.53
C GLN B 145 -7.03 -3.73 17.00
N VAL B 146 -6.57 -4.65 17.85
CA VAL B 146 -6.37 -4.37 19.27
C VAL B 146 -5.23 -3.36 19.46
N LEU B 147 -4.12 -3.57 18.76
CA LEU B 147 -2.98 -2.66 18.79
C LEU B 147 -3.34 -1.27 18.29
N LYS B 148 -4.14 -1.21 17.23
CA LYS B 148 -4.62 0.05 16.66
C LYS B 148 -5.42 0.85 17.70
N LYS B 149 -6.37 0.20 18.35
CA LYS B 149 -7.24 0.84 19.34
C LYS B 149 -6.46 1.38 20.53
N ILE B 150 -5.45 0.64 20.97
CA ILE B 150 -4.53 1.10 22.02
C ILE B 150 -3.76 2.33 21.55
N ALA B 151 -3.21 2.25 20.33
CA ALA B 151 -2.46 3.36 19.73
C ALA B 151 -3.34 4.61 19.53
N GLN B 152 -4.58 4.40 19.11
CA GLN B 152 -5.54 5.49 18.94
C GLN B 152 -5.82 6.23 20.26
N LYS B 153 -5.98 5.46 21.34
CA LYS B 153 -6.31 6.01 22.65
C LYS B 153 -5.10 6.69 23.32
N ALA B 154 -3.91 6.18 23.04
CA ALA B 154 -2.69 6.65 23.72
C ALA B 154 -1.97 7.79 23.02
N LEU B 155 -2.00 7.81 21.69
CA LEU B 155 -1.16 8.74 20.92
C LEU B 155 -1.78 10.10 20.60
N ASP B 156 -3.11 10.18 20.67
CA ASP B 156 -3.85 11.42 20.44
C ASP B 156 -3.46 12.10 19.11
N LEU B 157 -3.53 11.33 18.03
CA LEU B 157 -3.15 11.82 16.70
C LEU B 157 -4.24 12.72 16.08
N PRO B 158 -3.84 13.62 15.16
CA PRO B 158 -4.79 14.54 14.50
C PRO B 158 -5.83 13.81 13.64
N SER B 159 -6.78 14.57 13.11
CA SER B 159 -7.78 14.02 12.19
C SER B 159 -7.20 13.96 10.77
N SER B 160 -6.05 13.28 10.67
CA SER B 160 -5.23 13.31 9.45
C SER B 160 -5.57 12.21 8.44
N GLY B 161 -6.16 11.11 8.93
CA GLY B 161 -6.48 9.98 8.08
C GLY B 161 -5.27 9.17 7.65
N GLU B 162 -4.18 9.26 8.41
CA GLU B 162 -2.93 8.57 8.11
C GLU B 162 -2.18 8.16 9.37
N GLY B 163 -1.31 7.17 9.24
CA GLY B 163 -0.42 6.77 10.33
C GLY B 163 -0.65 5.40 10.92
N LEU B 164 -1.82 4.81 10.65
CA LEU B 164 -2.19 3.52 11.22
C LEU B 164 -2.70 2.51 10.18
N ALA B 165 -2.26 2.68 8.94
CA ALA B 165 -2.65 1.79 7.84
C ALA B 165 -2.12 0.36 8.01
N PHE B 166 -0.96 0.23 8.65
CA PHE B 166 -0.34 -1.07 8.92
C PHE B 166 -1.26 -2.02 9.69
N PHE B 167 -2.09 -1.46 10.57
CA PHE B 167 -2.93 -2.24 11.48
C PHE B 167 -4.22 -2.73 10.84
N THR B 168 -4.51 -2.27 9.63
CA THR B 168 -5.65 -2.75 8.86
C THR B 168 -5.18 -3.56 7.65
N PHE B 169 -5.68 -4.78 7.56
CA PHE B 169 -5.49 -5.62 6.37
C PHE B 169 -6.76 -5.52 5.53
N PRO B 170 -6.79 -4.56 4.57
CA PRO B 170 -8.01 -4.24 3.83
C PRO B 170 -8.52 -5.36 2.93
N ASN B 171 -7.61 -6.25 2.51
CA ASN B 171 -7.99 -7.39 1.68
C ASN B 171 -8.29 -8.65 2.50
N ILE B 172 -8.36 -8.50 3.82
CA ILE B 172 -8.82 -9.56 4.72
C ILE B 172 -10.02 -9.05 5.53
N ALA B 173 -11.21 -9.50 5.14
CA ALA B 173 -12.44 -9.11 5.81
C ALA B 173 -12.59 -9.84 7.14
N SER B 174 -12.27 -11.14 7.16
CA SER B 174 -12.32 -11.95 8.37
C SER B 174 -10.96 -12.58 8.68
N ALA B 175 -10.36 -12.15 9.79
CA ALA B 175 -9.07 -12.67 10.22
C ALA B 175 -9.10 -14.18 10.41
N THR B 176 -10.15 -14.67 11.09
CA THR B 176 -10.33 -16.11 11.32
C THR B 176 -10.40 -16.89 10.01
N LYS B 177 -11.20 -16.40 9.06
CA LYS B 177 -11.33 -17.03 7.74
C LYS B 177 -9.98 -17.16 7.05
N PHE B 178 -9.20 -16.08 7.03
CA PHE B 178 -7.88 -16.12 6.40
C PHE B 178 -6.88 -16.98 7.17
N LYS B 179 -6.87 -16.86 8.51
CA LYS B 179 -5.97 -17.66 9.34
C LYS B 179 -6.13 -19.15 9.07
N GLN B 180 -7.38 -19.60 9.01
CA GLN B 180 -7.70 -21.00 8.71
C GLN B 180 -7.18 -21.42 7.34
N LEU B 181 -7.34 -20.54 6.35
CA LEU B 181 -6.80 -20.76 5.01
C LEU B 181 -5.27 -20.81 5.00
N TYR B 182 -4.66 -19.86 5.70
CA TYR B 182 -3.20 -19.76 5.76
C TYR B 182 -2.58 -20.95 6.49
N ARG B 183 -3.25 -21.40 7.57
CA ARG B 183 -2.83 -22.59 8.30
C ARG B 183 -2.85 -23.84 7.43
N SER B 184 -3.91 -23.97 6.63
CA SER B 184 -4.06 -25.10 5.71
C SER B 184 -2.97 -25.10 4.65
N ARG B 185 -2.61 -23.91 4.18
CA ARG B 185 -1.55 -23.76 3.18
C ARG B 185 -0.17 -24.07 3.78
N MET B 186 0.01 -23.73 5.04
CA MET B 186 1.22 -24.13 5.79
C MET B 186 1.28 -25.65 5.93
N ASN B 187 0.13 -26.28 6.15
CA ASN B 187 0.04 -27.74 6.27
C ASN B 187 0.16 -28.45 4.92
N SER B 188 -0.19 -27.75 3.85
CA SER B 188 -0.09 -28.28 2.49
C SER B 188 1.36 -28.37 2.02
N LEU B 189 2.21 -27.62 2.71
CA LEU B 189 3.63 -27.52 2.36
C LEU B 189 4.33 -28.86 2.56
N GLU B 190 4.97 -29.33 1.49
CA GLU B 190 5.68 -30.61 1.51
C GLU B 190 7.11 -30.41 1.96
N MET B 191 7.50 -31.11 3.03
CA MET B 191 8.85 -31.03 3.58
C MET B 191 9.27 -32.32 4.30
N THR B 192 10.56 -32.60 4.28
CA THR B 192 11.15 -33.73 5.00
C THR B 192 11.13 -33.46 6.51
N PRO B 193 11.21 -34.53 7.34
CA PRO B 193 11.31 -34.38 8.79
C PRO B 193 12.41 -33.40 9.25
N ALA B 194 13.57 -33.44 8.59
CA ALA B 194 14.69 -32.57 8.92
C ALA B 194 14.38 -31.10 8.65
N VAL B 195 13.81 -30.82 7.48
CA VAL B 195 13.37 -29.47 7.11
C VAL B 195 12.27 -28.99 8.07
N ARG B 196 11.32 -29.87 8.35
CA ARG B 196 10.23 -29.58 9.28
C ARG B 196 10.74 -29.14 10.66
N GLN B 197 11.72 -29.88 11.17
CA GLN B 197 12.37 -29.54 12.45
C GLN B 197 13.06 -28.18 12.39
N ARG B 198 13.73 -27.90 11.27
CA ARG B 198 14.40 -26.61 11.07
C ARG B 198 13.41 -25.45 10.96
N VAL B 199 12.26 -25.71 10.33
CA VAL B 199 11.17 -24.74 10.24
C VAL B 199 10.68 -24.37 11.65
N ILE B 200 10.45 -25.39 12.47
CA ILE B 200 10.06 -25.25 13.88
C ILE B 200 11.10 -24.41 14.64
N GLU B 201 12.37 -24.77 14.48
CA GLU B 201 13.49 -24.04 15.10
C GLU B 201 13.56 -22.59 14.65
N GLU B 202 13.26 -22.35 13.37
CA GLU B 202 13.29 -21.00 12.80
C GLU B 202 12.17 -20.12 13.33
N ALA B 203 11.02 -20.72 13.62
CA ALA B 203 9.90 -20.00 14.22
C ALA B 203 10.26 -19.48 15.61
N LYS B 204 10.93 -20.32 16.40
CA LYS B 204 11.45 -19.94 17.71
C LYS B 204 12.48 -18.81 17.57
N THR B 205 13.40 -18.98 16.61
CA THR B 205 14.37 -17.95 16.25
C THR B 205 13.69 -16.63 15.90
N ALA B 206 12.63 -16.70 15.11
CA ALA B 206 11.86 -15.53 14.69
C ALA B 206 11.22 -14.81 15.89
N PHE B 207 10.66 -15.60 16.80
CA PHE B 207 10.09 -15.09 18.04
C PHE B 207 11.16 -14.42 18.93
N LEU B 208 12.33 -15.04 19.02
CA LEU B 208 13.43 -14.52 19.83
C LEU B 208 14.02 -13.23 19.25
N LEU B 209 14.05 -13.15 17.93
CA LEU B 209 14.48 -11.92 17.25
C LEU B 209 13.53 -10.76 17.52
N ASN B 210 12.23 -11.09 17.68
CA ASN B 210 11.23 -10.12 18.09
C ASN B 210 11.38 -9.70 19.55
N ILE B 211 11.64 -10.67 20.42
CA ILE B 211 11.86 -10.42 21.85
C ILE B 211 13.09 -9.54 22.07
N GLN B 212 14.19 -9.90 21.40
CA GLN B 212 15.43 -9.14 21.49
C GLN B 212 15.30 -7.74 20.90
N LEU B 213 14.46 -7.61 19.86
CA LEU B 213 14.14 -6.31 19.28
C LEU B 213 13.47 -5.40 20.31
N PHE B 214 12.38 -5.89 20.92
CA PHE B 214 11.62 -5.09 21.88
C PHE B 214 12.36 -4.83 23.20
N GLU B 215 13.29 -5.71 23.54
CA GLU B 215 14.20 -5.48 24.66
C GLU B 215 15.12 -4.29 24.37
N GLU B 216 15.65 -4.25 23.14
CA GLU B 216 16.50 -3.16 22.69
C GLU B 216 15.74 -1.84 22.59
N LEU B 217 14.52 -1.89 22.06
CA LEU B 217 13.67 -0.71 21.93
C LEU B 217 13.35 -0.09 23.28
N GLN B 218 13.04 -0.94 24.25
CA GLN B 218 12.78 -0.51 25.63
C GLN B 218 14.01 0.12 26.26
N GLU B 219 15.18 -0.47 25.99
CA GLU B 219 16.46 0.04 26.49
C GLU B 219 16.76 1.43 25.94
N LEU B 220 16.49 1.64 24.66
CA LEU B 220 16.71 2.92 23.99
C LEU B 220 15.76 4.01 24.50
N LEU B 221 14.53 3.61 24.81
CA LEU B 221 13.49 4.56 25.26
C LEU B 221 13.69 5.02 26.70
N THR B 222 14.16 4.12 27.56
CA THR B 222 14.50 4.45 28.94
C THR B 222 15.90 5.05 29.02
N HIS B 223 16.17 6.01 28.12
CA HIS B 223 17.46 6.66 28.01
C HIS B 223 17.31 8.02 27.34
CHA HEM C . -1.70 19.16 -12.78
CHB HEM C . -5.40 21.93 -11.29
CHC HEM C . -8.50 18.38 -12.51
CHD HEM C . -4.92 16.10 -14.85
C1A HEM C . -2.41 20.21 -12.22
C2A HEM C . -1.86 21.38 -11.57
C3A HEM C . -2.88 22.14 -11.16
C4A HEM C . -4.11 21.48 -11.53
CMA HEM C . -2.78 23.50 -10.42
CAA HEM C . -0.35 21.68 -11.39
CBA HEM C . 0.15 22.52 -12.56
CGA HEM C . 1.48 21.97 -13.03
O1A HEM C . 2.53 22.40 -12.49
O2A HEM C . 1.47 21.12 -13.96
C1B HEM C . -6.56 21.19 -11.44
C2B HEM C . -7.88 21.58 -10.98
C3B HEM C . -8.74 20.59 -11.31
C4B HEM C . -7.98 19.56 -12.00
CMB HEM C . -8.20 22.89 -10.22
CAB HEM C . -10.26 20.50 -11.04
CBB HEM C . -10.82 21.15 -10.01
C1C HEM C . -7.81 17.45 -13.27
C2C HEM C . -8.36 16.26 -13.89
C3C HEM C . -7.37 15.64 -14.53
C4C HEM C . -6.16 16.41 -14.35
CMC HEM C . -9.84 15.78 -13.81
CAC HEM C . -7.47 14.32 -15.33
CBC HEM C . -7.05 13.18 -14.78
C1D HEM C . -3.72 16.70 -14.54
C2D HEM C . -2.43 16.31 -15.06
C3D HEM C . -1.42 17.26 -14.41
C4D HEM C . -2.20 18.14 -13.56
CMD HEM C . -2.12 15.17 -16.07
CAD HEM C . 0.11 17.29 -14.64
CBD HEM C . 0.40 18.29 -15.75
CGD HEM C . 1.86 18.29 -16.09
O1D HEM C . 2.22 17.90 -17.22
O2D HEM C . 2.68 18.69 -15.21
NA HEM C . -3.79 20.30 -12.17
NB HEM C . -6.66 19.96 -12.06
NC HEM C . -6.47 17.51 -13.57
ND HEM C . -3.54 17.77 -13.66
FE HEM C . -5.11 18.87 -12.87
C Q86 D . -7.52 14.80 -8.93
N Q86 D . -5.62 16.21 -9.58
O Q86 D . -8.25 15.71 -9.28
CA Q86 D . -6.03 14.99 -8.89
CAA Q86 D . -11.49 15.31 -5.85
CAB Q86 D . -11.22 14.57 -4.71
CAC Q86 D . -10.40 13.43 -4.79
CAD Q86 D . -9.87 13.05 -6.02
CAE Q86 D . -10.14 13.80 -7.17
CAF Q86 D . -10.96 14.92 -7.08
CAG Q86 D . -9.58 13.39 -8.51
CAH Q86 D . -8.06 13.44 -8.51
NAL Q86 D . -5.42 17.33 -8.76
CAM Q86 D . -5.04 18.31 -9.60
NAN Q86 D . -5.00 17.81 -10.86
CAO Q86 D . -5.37 16.51 -10.85
O1 HEZ E . -9.44 20.99 -5.51
C1 HEZ E . -9.18 21.08 -6.92
C2 HEZ E . -7.80 20.51 -7.24
C3 HEZ E . -6.68 21.41 -6.71
C4 HEZ E . -5.43 21.28 -7.56
C5 HEZ E . -4.29 22.11 -6.97
C6 HEZ E . -2.94 21.45 -7.26
O6 HEZ E . -1.88 22.32 -6.85
S SO4 F . 6.43 20.97 -11.32
O1 SO4 F . 6.19 20.65 -9.92
O2 SO4 F . 5.20 20.76 -12.08
O3 SO4 F . 6.85 22.36 -11.43
O4 SO4 F . 7.48 20.10 -11.84
CHA HEM G . -1.37 -14.58 17.92
CHB HEM G . -1.18 -12.20 22.14
CHC HEM G . 3.29 -10.65 21.06
CHD HEM G . 3.47 -13.90 17.47
C1A HEM G . -1.75 -14.03 19.12
C2A HEM G . -3.07 -14.07 19.72
C3A HEM G . -3.01 -13.41 20.88
C4A HEM G . -1.67 -12.93 21.07
CMA HEM G . -4.19 -13.19 21.88
CAA HEM G . -4.32 -14.76 19.11
CBA HEM G . -4.28 -16.25 19.40
CGA HEM G . -4.89 -17.00 18.23
O1A HEM G . -6.12 -17.23 18.24
O2A HEM G . -4.13 -17.36 17.29
C1B HEM G . 0.02 -11.54 22.21
C2B HEM G . 0.44 -10.62 23.27
C3B HEM G . 1.68 -10.20 22.96
C4B HEM G . 2.08 -10.82 21.71
CMB HEM G . -0.43 -10.24 24.50
CAB HEM G . 2.57 -9.22 23.76
CBB HEM G . 2.04 -8.28 24.56
C1C HEM G . 3.76 -11.40 20.00
C2C HEM G . 5.06 -11.32 19.38
C3C HEM G . 5.10 -12.22 18.40
C4C HEM G . 3.83 -12.90 18.34
CMC HEM G . 6.21 -10.36 19.78
CAC HEM G . 6.30 -12.50 17.45
CBC HEM G . 6.25 -12.04 16.20
C1D HEM G . 2.19 -14.39 17.23
C2D HEM G . 1.84 -15.35 16.20
C3D HEM G . 0.33 -15.56 16.34
C4D HEM G . -0.08 -14.71 17.44
CMD HEM G . 2.78 -16.01 15.17
CAD HEM G . -0.56 -16.49 15.49
CBD HEM G . -0.75 -17.79 16.26
CGD HEM G . -1.45 -18.81 15.41
O1D HEM G . -0.83 -19.88 15.13
O2D HEM G . -2.61 -18.59 15.01
NA HEM G . -0.92 -13.32 19.98
NB HEM G . 1.04 -11.64 21.30
NC HEM G . 3.04 -12.38 19.34
ND HEM G . 1.05 -14.05 17.93
FE HEM G . 1.06 -12.83 19.62
C Q86 H . 2.53 -7.31 17.15
N Q86 H . 0.95 -9.20 17.34
O Q86 H . 2.80 -7.48 18.33
CA Q86 H . 1.43 -8.10 16.49
CAA Q86 H . 3.08 -3.03 19.65
CAB Q86 H . 2.71 -1.96 18.83
CAC Q86 H . 2.86 -2.05 17.45
CAD Q86 H . 3.38 -3.21 16.88
CAE Q86 H . 3.76 -4.28 17.69
CAF Q86 H . 3.61 -4.19 19.06
CAG Q86 H . 4.34 -5.54 17.08
CAH Q86 H . 3.28 -6.31 16.29
NAL Q86 H . -0.20 -8.93 18.08
CAM Q86 H . -0.44 -10.08 18.76
NAN Q86 H . 0.53 -10.99 18.43
CAO Q86 H . 1.40 -10.43 17.55
O1 HEZ I . -5.69 -9.76 20.24
C1 HEZ I . -4.26 -9.81 20.34
C2 HEZ I . -3.77 -8.77 21.35
C3 HEZ I . -2.58 -8.01 20.80
C4 HEZ I . -2.03 -7.02 21.81
C5 HEZ I . -0.56 -7.33 22.12
C6 HEZ I . 0.20 -6.10 22.58
O6 HEZ I . -0.39 -5.54 23.76
S SO4 J . -8.53 -17.88 14.80
O1 SO4 J . -9.52 -18.40 15.75
O2 SO4 J . -8.58 -18.66 13.57
O3 SO4 J . -8.84 -16.48 14.51
O4 SO4 J . -7.20 -17.96 15.38
#